data_8J28
#
_entry.id   8J28
#
loop_
_entity.id
_entity.type
_entity.pdbx_description
1 polymer 'Delta-1-pyrroline-5-carboxylate synthase B'
2 non-polymer "ADENOSINE-5'-DIPHOSPHATE"
3 non-polymer 'GAMMA-GLUTAMYL PHOSPHATE'
#
_entity_poly.entity_id   1
_entity_poly.type   'polypeptide(L)'
_entity_poly.pdbx_seq_one_letter_code
;MTEIDRSRAFAKDVKRIVVKVGTAVVTGKGGRLALGRLGAICEQLAELNSDGFEVILVSSGAVGLGRQRLRYRQLVNSSF
ADLQKPQMELDGKACAGVGQSSLMAYYETMFDQLDVTVAQMLVTDSSFRDKDFRKQLSETVKAMLRMRVIPVFNENDAIS
TRRAPYKDSTGIFWDNDSLAALLSLELKADLLILLSDVEGLYTGPPSDSTSKLIHTFIKEKHQDEITFGEKSKLGRGGMT
AKVKAAVNAAYGGVPVIITSGYAAENISKVLRGLRVGTLFHQDAHLWAPVVDTTSRDMAVAARESSRKLQALSSEDRKQI
LHDIANALEVNEKTIKAENDLDVAAAQEAGYEESLVARLVMKPGKISSLAASVRQLAEMEDPIGRVLKKTQVADDLILEK
TSSPIGVLLIVFESRPDALVQIASLAIRSGNGLLLKGGKEARRSNAILHKVITDAIPETVGGKLIGLVTSREEIPDLLKL
DDVIDLVIPRGSNKLVSQIKNSTKIPVLGHADGICHVYVDKSGKLDMAKRIVSDAKLDYPAACNAMETLLVHKDLEQNGF
LDDLIYVLQTKGVTLYGGPRASAKLNIPETKSFHHEYSSKACTVEIVEDVYGAIDHIHQHGSAHTDCIVTEDSEVAEIFL
RQVDSAAVFHNASTRFSDGFRFGLGAEVGISTSRIHARGPVGVEGLLTTRWIMRGKGQVVDGDNGIVYTHKDLPVLQRTE
AVENGI
;
_entity_poly.pdbx_strand_id   F,A,C,E
#
# COMPACT_ATOMS: atom_id res chain seq x y z
N TYR A 72 -39.86 -4.60 21.37
CA TYR A 72 -39.55 -4.46 19.96
C TYR A 72 -39.08 -3.07 19.63
N ARG A 73 -39.75 -2.06 20.16
CA ARG A 73 -39.29 -0.70 19.93
C ARG A 73 -37.86 -0.62 20.42
N GLN A 74 -37.59 -1.25 21.55
CA GLN A 74 -36.23 -1.28 22.06
C GLN A 74 -35.31 -1.95 21.07
N LEU A 75 -35.74 -3.08 20.52
CA LEU A 75 -34.89 -3.81 19.61
C LEU A 75 -34.67 -3.04 18.33
N VAL A 76 -35.40 -1.95 18.14
CA VAL A 76 -35.28 -1.23 16.88
C VAL A 76 -34.64 0.14 17.05
N ASN A 77 -34.56 0.63 18.28
CA ASN A 77 -33.87 1.88 18.50
C ASN A 77 -32.59 1.60 19.25
N SER A 78 -32.12 0.36 19.18
CA SER A 78 -30.91 -0.02 19.92
C SER A 78 -29.75 -0.36 19.01
N SER A 79 -28.53 -0.27 19.53
CA SER A 79 -27.36 -0.49 18.70
C SER A 79 -26.77 -1.88 18.90
N PHE A 80 -26.32 -2.52 17.82
CA PHE A 80 -25.86 -3.91 17.95
C PHE A 80 -25.04 -4.13 19.20
N ALA A 81 -24.17 -3.20 19.50
CA ALA A 81 -23.37 -3.32 20.69
C ALA A 81 -24.30 -3.49 21.87
N ASP A 82 -25.38 -2.73 21.90
CA ASP A 82 -26.30 -2.79 23.05
C ASP A 82 -26.83 -4.19 23.24
N LEU A 83 -27.14 -4.87 22.14
CA LEU A 83 -27.65 -6.22 22.21
C LEU A 83 -26.63 -7.09 22.93
N GLN A 84 -25.35 -6.76 22.78
CA GLN A 84 -24.30 -7.57 23.39
C GLN A 84 -24.38 -7.45 24.91
N LYS A 85 -24.69 -6.26 25.41
CA LYS A 85 -24.84 -6.08 26.86
C LYS A 85 -26.27 -6.38 27.28
N PRO A 86 -26.43 -7.25 28.29
CA PRO A 86 -27.77 -7.64 28.75
C PRO A 86 -28.74 -6.46 28.86
N ARG B 69 -16.21 -15.05 23.50
CA ARG B 69 -16.02 -15.04 22.06
C ARG B 69 -17.15 -15.70 21.30
N LEU B 70 -17.63 -16.83 21.80
CA LEU B 70 -18.67 -17.57 21.09
C LEU B 70 -19.98 -16.79 21.12
N ARG B 71 -20.25 -16.09 22.20
CA ARG B 71 -21.44 -15.27 22.27
C ARG B 71 -21.32 -14.15 21.26
N TYR B 72 -20.15 -13.54 21.17
CA TYR B 72 -20.00 -12.53 20.16
C TYR B 72 -20.29 -13.13 18.80
N ARG B 73 -19.77 -14.30 18.50
CA ARG B 73 -19.97 -14.85 17.16
C ARG B 73 -21.44 -15.13 16.92
N GLN B 74 -22.14 -15.64 17.91
CA GLN B 74 -23.55 -15.92 17.79
C GLN B 74 -24.32 -14.64 17.49
N LEU B 75 -24.04 -13.57 18.22
CA LEU B 75 -24.70 -12.31 17.96
C LEU B 75 -24.36 -11.73 16.59
N VAL B 76 -23.15 -11.93 16.12
CA VAL B 76 -22.77 -11.43 14.80
C VAL B 76 -23.52 -12.18 13.74
N ASN B 77 -23.81 -13.45 13.98
CA ASN B 77 -24.59 -14.21 13.02
C ASN B 77 -25.97 -14.56 13.57
N SER B 78 -26.90 -13.61 13.53
CA SER B 78 -28.27 -13.89 13.98
C SER B 78 -29.24 -12.90 13.34
N SER B 79 -30.51 -13.26 13.26
CA SER B 79 -31.50 -12.38 12.66
C SER B 79 -32.04 -11.42 13.69
N PHE B 80 -32.40 -10.22 13.24
CA PHE B 80 -32.88 -9.23 14.17
C PHE B 80 -33.97 -9.85 14.97
N ALA B 81 -34.92 -10.47 14.28
CA ALA B 81 -36.02 -11.11 14.96
C ALA B 81 -35.48 -12.13 15.94
N ASP B 82 -34.45 -12.83 15.54
CA ASP B 82 -33.84 -13.82 16.41
C ASP B 82 -33.32 -13.11 17.64
N LEU B 83 -32.69 -11.96 17.43
CA LEU B 83 -32.18 -11.21 18.56
C LEU B 83 -33.33 -10.93 19.51
N GLN B 84 -34.52 -10.74 18.96
CA GLN B 84 -35.69 -10.50 19.79
C GLN B 84 -36.03 -11.74 20.60
N LYS B 85 -35.99 -12.90 19.97
CA LYS B 85 -36.34 -14.13 20.66
C LYS B 85 -35.11 -14.72 21.34
N SER C 7 21.83 -6.60 -20.46
CA SER C 7 21.56 -5.19 -20.22
C SER C 7 21.39 -4.91 -18.74
N ARG C 8 20.56 -5.73 -18.08
CA ARG C 8 20.36 -5.59 -16.65
C ARG C 8 21.57 -6.15 -15.91
N ALA C 9 22.62 -5.36 -15.77
CA ALA C 9 23.87 -5.83 -15.19
C ALA C 9 24.23 -5.17 -13.87
N PHE C 10 23.42 -4.24 -13.37
CA PHE C 10 23.76 -3.57 -12.11
C PHE C 10 23.57 -4.47 -10.90
N ALA C 11 22.99 -5.65 -11.06
CA ALA C 11 22.73 -6.53 -9.93
C ALA C 11 24.02 -6.94 -9.24
N LYS C 12 25.15 -6.88 -9.94
CA LYS C 12 26.44 -7.20 -9.34
C LYS C 12 26.93 -6.11 -8.39
N ASP C 13 26.24 -4.97 -8.32
CA ASP C 13 26.66 -3.83 -7.53
C ASP C 13 25.63 -3.42 -6.49
N VAL C 14 24.35 -3.71 -6.72
CA VAL C 14 23.26 -3.11 -5.96
C VAL C 14 23.42 -3.43 -4.47
N LYS C 15 23.39 -2.38 -3.65
CA LYS C 15 23.38 -2.54 -2.21
C LYS C 15 22.14 -1.94 -1.55
N ARG C 16 21.83 -0.68 -1.84
CA ARG C 16 20.72 0.01 -1.21
C ARG C 16 19.53 -0.01 -2.17
N ILE C 17 18.41 -0.59 -1.72
CA ILE C 17 17.25 -0.84 -2.55
C ILE C 17 16.03 -0.18 -1.90
N VAL C 18 15.20 0.48 -2.71
CA VAL C 18 13.95 1.06 -2.25
C VAL C 18 12.82 0.35 -2.96
N VAL C 19 11.90 -0.23 -2.20
CA VAL C 19 10.77 -0.97 -2.75
C VAL C 19 9.48 -0.33 -2.26
N LYS C 20 8.55 -0.13 -3.18
CA LYS C 20 7.24 0.44 -2.87
C LYS C 20 6.17 -0.60 -3.16
N VAL C 21 5.26 -0.79 -2.19
CA VAL C 21 4.09 -1.64 -2.37
C VAL C 21 2.87 -0.73 -2.43
N GLY C 22 2.15 -0.78 -3.54
CA GLY C 22 1.08 0.17 -3.79
C GLY C 22 -0.18 -0.11 -3.01
N THR C 23 -1.34 0.21 -3.60
CA THR C 23 -2.63 0.06 -2.94
C THR C 23 -3.31 -1.27 -3.27
N ALA C 24 -3.12 -1.78 -4.49
CA ALA C 24 -3.72 -3.04 -4.89
C ALA C 24 -2.80 -4.24 -4.68
N VAL C 25 -1.80 -4.10 -3.82
CA VAL C 25 -0.90 -5.20 -3.50
C VAL C 25 -1.08 -5.57 -2.03
N VAL C 26 -1.56 -4.63 -1.25
CA VAL C 26 -1.72 -4.84 0.19
C VAL C 26 -3.16 -5.24 0.53
N THR C 27 -4.14 -4.73 -0.19
CA THR C 27 -5.55 -4.98 0.09
C THR C 27 -6.15 -5.87 -0.99
N GLY C 28 -6.87 -6.91 -0.55
CA GLY C 28 -7.50 -7.83 -1.47
C GLY C 28 -8.97 -7.56 -1.66
N LYS C 29 -9.83 -8.37 -1.06
CA LYS C 29 -11.27 -8.23 -1.19
C LYS C 29 -11.86 -7.68 0.11
N GLY C 30 -12.68 -6.65 -0.01
CA GLY C 30 -13.31 -6.04 1.14
C GLY C 30 -12.48 -5.03 1.89
N GLY C 31 -11.27 -4.73 1.41
CA GLY C 31 -10.40 -3.78 2.06
C GLY C 31 -9.48 -4.37 3.11
N ARG C 32 -9.62 -5.65 3.44
CA ARG C 32 -8.76 -6.29 4.42
C ARG C 32 -7.38 -6.55 3.81
N LEU C 33 -6.46 -7.04 4.64
CA LEU C 33 -5.11 -7.32 4.17
C LEU C 33 -5.11 -8.49 3.19
N ALA C 34 -4.21 -8.43 2.22
CA ALA C 34 -3.91 -9.57 1.36
C ALA C 34 -2.85 -10.38 2.09
N LEU C 35 -3.30 -11.36 2.87
CA LEU C 35 -2.41 -12.04 3.81
C LEU C 35 -1.27 -12.73 3.09
N GLY C 36 -1.58 -13.52 2.06
CA GLY C 36 -0.53 -14.25 1.36
C GLY C 36 0.45 -13.33 0.65
N ARG C 37 -0.07 -12.32 -0.05
CA ARG C 37 0.79 -11.39 -0.78
C ARG C 37 1.74 -10.66 0.17
N LEU C 38 1.19 -10.07 1.22
CA LEU C 38 2.01 -9.33 2.17
C LEU C 38 3.00 -10.23 2.89
N GLY C 39 2.56 -11.44 3.27
CA GLY C 39 3.48 -12.36 3.91
C GLY C 39 4.65 -12.75 3.02
N ALA C 40 4.36 -13.05 1.75
CA ALA C 40 5.41 -13.42 0.82
C ALA C 40 6.38 -12.26 0.58
N ILE C 41 5.86 -11.05 0.39
CA ILE C 41 6.72 -9.90 0.17
C ILE C 41 7.58 -9.63 1.40
N CYS C 42 6.99 -9.75 2.59
CA CYS C 42 7.74 -9.53 3.82
C CYS C 42 8.84 -10.59 3.98
N GLU C 43 8.53 -11.85 3.66
CA GLU C 43 9.53 -12.90 3.76
C GLU C 43 10.69 -12.64 2.81
N GLN C 44 10.39 -12.21 1.57
CA GLN C 44 11.46 -11.93 0.63
C GLN C 44 12.28 -10.73 1.06
N LEU C 45 11.63 -9.71 1.62
CA LEU C 45 12.39 -8.57 2.13
C LEU C 45 13.29 -8.98 3.29
N ALA C 46 12.80 -9.86 4.15
CA ALA C 46 13.62 -10.34 5.26
C ALA C 46 14.83 -11.12 4.76
N GLU C 47 14.62 -12.02 3.79
CA GLU C 47 15.75 -12.79 3.27
C GLU C 47 16.71 -11.90 2.48
N LEU C 48 16.21 -10.79 1.93
CA LEU C 48 17.09 -9.82 1.30
C LEU C 48 17.93 -9.08 2.35
N ASN C 49 17.30 -8.71 3.46
CA ASN C 49 18.01 -8.03 4.54
C ASN C 49 19.08 -8.93 5.13
N SER C 50 18.80 -10.22 5.26
CA SER C 50 19.78 -11.15 5.81
C SER C 50 20.99 -11.30 4.89
N ASP C 51 20.79 -11.21 3.57
CA ASP C 51 21.88 -11.42 2.63
C ASP C 51 22.96 -10.35 2.72
N GLY C 52 22.60 -9.13 3.10
CA GLY C 52 23.53 -8.02 3.20
C GLY C 52 23.05 -6.73 2.57
N PHE C 53 22.04 -6.80 1.72
CA PHE C 53 21.50 -5.58 1.10
C PHE C 53 20.83 -4.71 2.15
N GLU C 54 20.84 -3.40 1.90
CA GLU C 54 20.13 -2.44 2.73
C GLU C 54 18.77 -2.16 2.10
N VAL C 55 17.71 -2.44 2.84
CA VAL C 55 16.35 -2.40 2.31
C VAL C 55 15.65 -1.15 2.83
N ILE C 56 15.03 -0.40 1.92
CA ILE C 56 14.19 0.75 2.26
C ILE C 56 12.79 0.45 1.74
N LEU C 57 11.80 0.55 2.63
CA LEU C 57 10.43 0.21 2.30
C LEU C 57 9.55 1.45 2.37
N VAL C 58 8.75 1.67 1.33
CA VAL C 58 7.80 2.76 1.27
C VAL C 58 6.44 2.13 0.97
N SER C 59 5.65 1.89 2.00
CA SER C 59 4.41 1.14 1.87
C SER C 59 3.23 2.08 1.66
N SER C 60 2.11 1.48 1.25
CA SER C 60 0.87 2.22 1.06
C SER C 60 -0.29 1.25 1.17
N GLY C 61 -1.47 1.79 1.41
CA GLY C 61 -2.66 0.97 1.55
C GLY C 61 -3.34 1.15 2.88
N ALA C 62 -2.86 2.12 3.66
CA ALA C 62 -3.45 2.39 4.97
C ALA C 62 -4.88 2.91 4.84
N VAL C 63 -5.19 3.62 3.75
CA VAL C 63 -6.50 4.23 3.60
C VAL C 63 -7.59 3.15 3.53
N GLY C 64 -7.33 2.08 2.79
CA GLY C 64 -8.32 1.00 2.72
C GLY C 64 -8.54 0.32 4.05
N LEU C 65 -7.46 0.01 4.76
CA LEU C 65 -7.62 -0.61 6.04
C LEU C 65 -8.46 0.34 6.79
N GLY C 66 -8.28 1.61 6.47
CA GLY C 66 -9.00 2.60 7.21
C GLY C 66 -10.45 2.42 6.99
N ARG C 67 -10.84 2.49 5.75
CA ARG C 67 -12.24 2.39 5.49
C ARG C 67 -12.74 1.19 6.26
N GLN C 68 -12.12 0.03 6.11
CA GLN C 68 -12.64 -1.18 6.74
C GLN C 68 -12.91 -1.03 8.22
N ARG C 69 -11.90 -0.85 9.04
CA ARG C 69 -12.16 -0.83 10.48
C ARG C 69 -13.16 0.26 10.83
N LEU C 70 -13.01 1.44 10.25
CA LEU C 70 -13.90 2.54 10.65
C LEU C 70 -15.34 2.19 10.31
N ARG C 71 -15.59 1.63 9.12
CA ARG C 71 -16.94 1.23 8.75
C ARG C 71 -17.49 0.22 9.72
N TYR C 72 -16.68 -0.77 10.07
N TYR C 72 -16.67 -0.75 10.09
CA TYR C 72 -17.12 -1.77 11.01
CA TYR C 72 -17.13 -1.78 10.99
C TYR C 72 -17.60 -1.09 12.26
C TYR C 72 -17.57 -1.13 12.30
N ARG C 73 -16.75 -0.23 12.84
CA ARG C 73 -17.11 0.44 14.08
C ARG C 73 -18.42 1.16 13.88
N GLN C 74 -18.59 1.81 12.74
CA GLN C 74 -19.85 2.42 12.45
C GLN C 74 -20.92 1.39 12.69
N LEU C 75 -20.92 0.32 11.90
CA LEU C 75 -21.99 -0.68 12.02
C LEU C 75 -22.14 -1.21 13.44
N VAL C 76 -21.04 -1.43 14.15
CA VAL C 76 -21.11 -1.93 15.52
C VAL C 76 -21.98 -1.03 16.35
N ASN C 77 -21.63 0.25 16.42
CA ASN C 77 -22.42 1.19 17.21
C ASN C 77 -23.39 1.97 16.33
N SER C 78 -24.45 1.30 15.90
CA SER C 78 -25.50 1.96 15.11
C SER C 78 -26.80 1.19 15.33
N SER C 79 -27.89 1.91 15.54
CA SER C 79 -29.19 1.27 15.81
C SER C 79 -29.62 0.39 14.66
N PHE C 80 -30.19 -0.76 14.97
CA PHE C 80 -30.52 -1.71 13.90
C PHE C 80 -31.31 -1.06 12.79
N ALA C 81 -32.42 -0.43 13.14
CA ALA C 81 -33.21 0.26 12.13
C ALA C 81 -32.39 1.34 11.46
N ASP C 82 -31.58 2.03 12.26
CA ASP C 82 -30.77 3.12 11.71
C ASP C 82 -29.75 2.61 10.71
N LEU C 83 -29.56 1.30 10.66
CA LEU C 83 -28.56 0.71 9.76
C LEU C 83 -29.07 0.66 8.33
N GLN C 84 -30.21 1.28 8.06
CA GLN C 84 -30.75 1.31 6.71
C GLN C 84 -30.72 2.71 6.12
N LYS C 85 -30.80 3.73 6.97
CA LYS C 85 -30.79 5.12 6.51
C LYS C 85 -29.41 5.52 6.02
N PRO C 86 -29.34 6.56 5.18
CA PRO C 86 -28.05 7.04 4.67
C PRO C 86 -26.97 7.05 5.75
N GLN C 87 -25.80 6.50 5.45
CA GLN C 87 -24.71 6.50 6.42
C GLN C 87 -23.56 7.33 5.90
N MET C 88 -23.12 8.29 6.70
CA MET C 88 -22.04 9.18 6.30
C MET C 88 -20.84 8.43 5.74
N GLU C 89 -20.06 9.07 4.89
CA GLU C 89 -18.84 8.47 4.39
C GLU C 89 -17.69 8.74 5.33
N LEU C 90 -16.93 7.71 5.67
CA LEU C 90 -15.83 7.88 6.62
C LEU C 90 -14.84 8.92 6.11
N ASP C 91 -14.51 9.90 6.96
CA ASP C 91 -13.56 10.94 6.57
C ASP C 91 -12.23 10.36 6.14
N GLY C 92 -11.72 10.81 5.00
CA GLY C 92 -10.46 10.30 4.51
C GLY C 92 -9.35 10.39 5.53
N LYS C 93 -9.24 11.54 6.18
CA LYS C 93 -8.19 11.72 7.17
C LYS C 93 -8.41 10.77 8.34
N ALA C 94 -9.65 10.59 8.75
CA ALA C 94 -9.95 9.70 9.88
C ALA C 94 -9.55 8.28 9.54
N CYS C 95 -9.81 7.86 8.32
CA CYS C 95 -9.40 6.53 7.91
C CYS C 95 -7.91 6.39 8.07
N ALA C 96 -7.16 7.27 7.44
CA ALA C 96 -5.71 7.17 7.47
C ALA C 96 -5.20 6.93 8.89
N GLY C 97 -5.74 7.66 9.87
CA GLY C 97 -5.25 7.56 11.22
C GLY C 97 -5.45 6.18 11.84
N VAL C 98 -6.44 5.43 11.35
CA VAL C 98 -6.62 4.06 11.83
C VAL C 98 -5.85 3.07 10.98
N GLY C 99 -5.89 3.22 9.64
CA GLY C 99 -5.25 2.27 8.77
C GLY C 99 -3.75 2.25 8.88
N GLN C 100 -3.13 3.41 9.07
CA GLN C 100 -1.67 3.43 9.21
C GLN C 100 -1.25 2.66 10.45
N SER C 101 -1.96 2.85 11.57
CA SER C 101 -1.65 2.10 12.78
C SER C 101 -1.83 0.61 12.56
N SER C 102 -2.94 0.21 11.92
CA SER C 102 -3.19 -1.21 11.70
C SER C 102 -2.10 -1.83 10.83
N LEU C 103 -1.75 -1.16 9.74
CA LEU C 103 -0.74 -1.70 8.82
C LEU C 103 0.63 -1.76 9.48
N MET C 104 0.98 -0.74 10.25
CA MET C 104 2.28 -0.76 10.92
C MET C 104 2.35 -1.87 11.95
N ALA C 105 1.27 -2.09 12.70
CA ALA C 105 1.26 -3.19 13.67
C ALA C 105 1.39 -4.54 12.98
N TYR C 106 0.69 -4.73 11.86
CA TYR C 106 0.82 -5.99 11.13
C TYR C 106 2.24 -6.20 10.61
N TYR C 107 2.83 -5.14 10.05
CA TYR C 107 4.21 -5.25 9.58
C TYR C 107 5.16 -5.58 10.71
N GLU C 108 4.96 -4.95 11.87
CA GLU C 108 5.82 -5.21 13.03
C GLU C 108 5.70 -6.66 13.46
N THR C 109 4.48 -7.20 13.49
CA THR C 109 4.31 -8.58 13.91
C THR C 109 4.95 -9.56 12.93
N MET C 110 4.73 -9.36 11.63
CA MET C 110 5.38 -10.22 10.63
C MET C 110 6.90 -10.17 10.73
N PHE C 111 7.46 -8.96 10.86
CA PHE C 111 8.91 -8.85 10.86
C PHE C 111 9.53 -9.34 12.16
N ASP C 112 8.79 -9.23 13.27
CA ASP C 112 9.25 -9.84 14.51
C ASP C 112 9.19 -11.36 14.42
N GLN C 113 8.22 -11.90 13.67
CA GLN C 113 8.24 -13.33 13.40
C GLN C 113 9.35 -13.72 12.44
N LEU C 114 9.87 -12.78 11.65
CA LEU C 114 10.92 -13.08 10.67
C LEU C 114 12.29 -12.56 11.08
N ASP C 115 12.49 -12.27 12.36
CA ASP C 115 13.76 -11.86 12.96
C ASP C 115 14.31 -10.55 12.41
N VAL C 116 13.47 -9.66 11.89
CA VAL C 116 13.88 -8.37 11.38
C VAL C 116 13.16 -7.28 12.17
N THR C 117 13.88 -6.22 12.49
CA THR C 117 13.33 -5.10 13.25
C THR C 117 13.04 -3.92 12.34
N VAL C 118 11.85 -3.34 12.50
CA VAL C 118 11.41 -2.21 11.69
C VAL C 118 10.98 -1.08 12.61
N ALA C 119 11.09 0.13 12.08
CA ALA C 119 10.74 1.33 12.84
C ALA C 119 9.87 2.23 11.99
N GLN C 120 8.88 2.85 12.64
CA GLN C 120 7.96 3.76 11.97
C GLN C 120 8.67 5.05 11.62
N MET C 121 8.38 5.57 10.42
CA MET C 121 9.01 6.81 9.94
C MET C 121 8.01 7.50 9.02
N LEU C 122 7.28 8.47 9.57
CA LEU C 122 6.26 9.21 8.84
C LEU C 122 6.77 10.61 8.55
N VAL C 123 6.81 10.99 7.28
CA VAL C 123 7.26 12.31 6.86
C VAL C 123 6.21 12.93 5.96
N THR C 124 5.80 14.16 6.30
CA THR C 124 4.83 14.86 5.47
C THR C 124 5.53 15.50 4.28
N ASP C 125 4.87 15.47 3.12
CA ASP C 125 5.48 15.87 1.87
C ASP C 125 5.64 17.39 1.74
N SER C 126 4.99 18.18 2.60
CA SER C 126 5.13 19.62 2.56
C SER C 126 6.22 20.14 3.48
N SER C 127 6.85 19.26 4.27
CA SER C 127 7.99 19.61 5.10
C SER C 127 9.32 19.34 4.41
N PHE C 128 9.30 19.01 3.13
CA PHE C 128 10.49 18.61 2.40
C PHE C 128 11.19 19.78 1.71
N ARG C 129 10.66 21.00 1.85
CA ARG C 129 11.37 22.18 1.39
C ARG C 129 12.31 22.74 2.44
N ASP C 130 12.24 22.23 3.67
CA ASP C 130 13.15 22.65 4.72
C ASP C 130 14.57 22.20 4.41
N LYS C 131 15.54 22.92 4.99
CA LYS C 131 16.95 22.65 4.75
C LYS C 131 17.55 21.70 5.77
N ASP C 132 17.20 21.83 7.05
CA ASP C 132 17.73 20.94 8.07
C ASP C 132 17.24 19.51 7.88
N PHE C 133 15.97 19.36 7.49
CA PHE C 133 15.42 18.02 7.24
C PHE C 133 16.17 17.33 6.11
N ARG C 134 16.61 18.11 5.11
CA ARG C 134 17.32 17.56 3.96
C ARG C 134 18.53 16.74 4.40
N LYS C 135 19.16 17.10 5.52
CA LYS C 135 20.30 16.39 6.06
C LYS C 135 19.92 15.45 7.21
N GLN C 136 18.93 15.81 8.00
CA GLN C 136 18.53 14.96 9.12
C GLN C 136 17.96 13.63 8.63
N LEU C 137 17.19 13.65 7.54
CA LEU C 137 16.67 12.42 6.98
C LEU C 137 17.81 11.51 6.52
N SER C 138 18.80 12.08 5.84
CA SER C 138 19.93 11.29 5.36
C SER C 138 20.76 10.73 6.51
N GLU C 139 20.89 11.48 7.60
CA GLU C 139 21.62 10.97 8.75
C GLU C 139 20.87 9.84 9.44
N THR C 140 19.58 10.04 9.69
CA THR C 140 18.80 9.04 10.42
C THR C 140 18.68 7.75 9.62
N VAL C 141 18.41 7.86 8.32
CA VAL C 141 18.30 6.65 7.50
C VAL C 141 19.64 5.93 7.44
N LYS C 142 20.75 6.68 7.32
CA LYS C 142 22.06 6.05 7.31
C LYS C 142 22.32 5.28 8.59
N ALA C 143 22.01 5.89 9.74
CA ALA C 143 22.23 5.21 11.01
C ALA C 143 21.38 3.96 11.13
N MET C 144 20.09 4.06 10.78
CA MET C 144 19.20 2.91 10.93
C MET C 144 19.56 1.80 9.95
N LEU C 145 20.03 2.15 8.75
CA LEU C 145 20.47 1.14 7.80
C LEU C 145 21.76 0.47 8.26
N ARG C 146 22.68 1.25 8.85
CA ARG C 146 23.88 0.65 9.42
C ARG C 146 23.53 -0.29 10.55
N MET C 147 22.47 0.00 11.30
CA MET C 147 22.01 -0.88 12.37
C MET C 147 21.24 -2.09 11.85
N ARG C 148 21.14 -2.25 10.54
CA ARG C 148 20.40 -3.37 9.92
C ARG C 148 18.93 -3.36 10.34
N VAL C 149 18.29 -2.20 10.24
CA VAL C 149 16.88 -2.03 10.55
C VAL C 149 16.19 -1.51 9.30
N ILE C 150 15.08 -2.16 8.92
CA ILE C 150 14.34 -1.81 7.71
C ILE C 150 13.35 -0.71 8.06
N PRO C 151 13.50 0.50 7.51
CA PRO C 151 12.48 1.53 7.71
C PRO C 151 11.27 1.28 6.82
N VAL C 152 10.13 1.83 7.25
CA VAL C 152 8.89 1.76 6.50
C VAL C 152 8.38 3.19 6.36
N PHE C 153 8.78 3.86 5.28
CA PHE C 153 8.33 5.21 5.01
C PHE C 153 6.89 5.22 4.53
N ASN C 154 6.20 6.33 4.78
CA ASN C 154 4.83 6.51 4.32
C ASN C 154 4.48 7.98 4.47
N GLU C 155 3.59 8.46 3.60
CA GLU C 155 3.14 9.84 3.68
C GLU C 155 2.15 9.99 4.82
N ASN C 156 2.34 11.02 5.64
CA ASN C 156 1.50 11.24 6.80
C ASN C 156 0.20 11.89 6.36
N ASP C 157 -0.89 11.14 6.38
CA ASP C 157 -2.19 11.63 5.93
C ASP C 157 -3.08 12.10 7.07
N ALA C 158 -2.80 11.69 8.31
CA ALA C 158 -3.65 12.09 9.43
C ALA C 158 -3.62 13.61 9.63
N ILE C 159 -2.44 14.21 9.58
CA ILE C 159 -2.29 15.66 9.61
C ILE C 159 -1.61 16.09 8.32
N SER C 160 -2.25 16.99 7.59
CA SER C 160 -1.74 17.47 6.30
C SER C 160 -2.54 18.71 5.92
N THR C 161 -2.33 19.19 4.70
CA THR C 161 -3.07 20.34 4.19
C THR C 161 -3.85 19.96 2.94
N THR C 170 -5.92 17.98 -8.44
CA THR C 170 -5.09 19.11 -8.03
C THR C 170 -4.14 19.53 -9.16
N GLY C 171 -3.53 20.70 -9.01
CA GLY C 171 -2.57 21.16 -10.01
C GLY C 171 -1.32 20.32 -10.04
N ILE C 172 -0.83 19.91 -8.87
CA ILE C 172 0.39 19.11 -8.75
C ILE C 172 0.08 17.89 -7.89
N PHE C 173 0.61 16.73 -8.32
CA PHE C 173 0.37 15.46 -7.64
C PHE C 173 1.68 14.99 -7.00
N TRP C 174 1.87 15.32 -5.72
CA TRP C 174 3.01 14.83 -4.95
C TRP C 174 2.57 13.63 -4.10
N ASP C 175 2.23 12.55 -4.79
CA ASP C 175 1.68 11.35 -4.15
C ASP C 175 2.81 10.39 -3.76
N ASN C 176 2.45 9.15 -3.43
CA ASN C 176 3.40 8.19 -2.90
C ASN C 176 4.55 7.91 -3.87
N ASP C 177 4.26 7.91 -5.17
CA ASP C 177 5.31 7.70 -6.17
C ASP C 177 6.36 8.80 -6.09
N SER C 178 5.91 10.05 -5.95
CA SER C 178 6.84 11.16 -5.80
C SER C 178 7.63 11.03 -4.51
N LEU C 179 6.98 10.58 -3.44
CA LEU C 179 7.68 10.38 -2.17
C LEU C 179 8.82 9.38 -2.34
N ALA C 180 8.52 8.22 -2.95
CA ALA C 180 9.55 7.21 -3.15
C ALA C 180 10.66 7.71 -4.06
N ALA C 181 10.30 8.39 -5.14
CA ALA C 181 11.30 8.88 -6.09
C ALA C 181 12.25 9.87 -5.42
N LEU C 182 11.70 10.89 -4.76
CA LEU C 182 12.55 11.91 -4.16
C LEU C 182 13.28 11.36 -2.94
N LEU C 183 12.71 10.36 -2.27
CA LEU C 183 13.40 9.71 -1.17
C LEU C 183 14.65 9.00 -1.67
N SER C 184 14.50 8.20 -2.72
CA SER C 184 15.67 7.51 -3.28
C SER C 184 16.65 8.51 -3.90
N LEU C 185 16.15 9.68 -4.29
CA LEU C 185 17.03 10.76 -4.70
C LEU C 185 17.87 11.24 -3.51
N GLU C 186 17.23 11.37 -2.36
CA GLU C 186 17.93 11.78 -1.14
C GLU C 186 18.87 10.71 -0.62
N LEU C 187 18.39 9.48 -0.50
CA LEU C 187 19.16 8.40 0.12
C LEU C 187 20.33 7.93 -0.74
N LYS C 188 20.40 8.36 -2.00
CA LYS C 188 21.44 7.93 -2.94
C LYS C 188 21.46 6.40 -3.06
N ALA C 189 20.27 5.84 -3.26
CA ALA C 189 20.09 4.40 -3.34
C ALA C 189 20.53 3.90 -4.72
N ASP C 190 20.22 2.63 -5.01
CA ASP C 190 20.59 2.03 -6.28
C ASP C 190 19.37 1.72 -7.16
N LEU C 191 18.41 0.98 -6.63
CA LEU C 191 17.17 0.69 -7.35
C LEU C 191 15.97 1.19 -6.56
N LEU C 192 14.95 1.63 -7.29
CA LEU C 192 13.65 1.96 -6.73
C LEU C 192 12.63 1.04 -7.41
N ILE C 193 12.34 -0.09 -6.78
CA ILE C 193 11.45 -1.09 -7.35
C ILE C 193 10.01 -0.66 -7.09
N LEU C 194 9.21 -0.61 -8.15
CA LEU C 194 7.81 -0.22 -8.07
C LEU C 194 6.98 -1.49 -8.23
N LEU C 195 6.54 -2.05 -7.10
CA LEU C 195 5.72 -3.25 -7.10
C LEU C 195 4.25 -2.86 -7.29
N SER C 196 3.66 -3.30 -8.39
CA SER C 196 2.31 -2.89 -8.74
C SER C 196 1.52 -4.11 -9.21
N ASP C 197 0.21 -3.90 -9.41
CA ASP C 197 -0.65 -4.99 -9.86
C ASP C 197 -0.24 -5.48 -11.24
N VAL C 198 0.04 -4.55 -12.16
CA VAL C 198 0.47 -4.95 -13.49
C VAL C 198 1.90 -5.45 -13.45
N GLU C 199 2.28 -6.21 -14.49
CA GLU C 199 3.60 -6.78 -14.60
C GLU C 199 4.55 -5.92 -15.43
N GLY C 200 4.33 -4.61 -15.46
CA GLY C 200 5.22 -3.69 -16.13
C GLY C 200 4.45 -2.68 -16.94
N LEU C 201 5.18 -1.93 -17.75
CA LEU C 201 4.57 -0.98 -18.65
C LEU C 201 3.88 -1.71 -19.79
N TYR C 202 2.99 -1.00 -20.49
CA TYR C 202 2.25 -1.59 -21.60
C TYR C 202 1.98 -0.52 -22.65
N THR C 203 1.83 -0.96 -23.90
CA THR C 203 1.48 -0.08 -25.01
C THR C 203 -0.05 0.02 -25.09
N GLY C 204 -0.62 0.62 -24.05
CA GLY C 204 -2.05 0.71 -23.92
C GLY C 204 -2.58 -0.10 -22.75
N PRO C 205 -3.89 -0.08 -22.55
CA PRO C 205 -4.46 -0.84 -21.44
C PRO C 205 -4.20 -2.33 -21.62
N PRO C 206 -4.04 -3.06 -20.51
CA PRO C 206 -3.81 -4.52 -20.61
C PRO C 206 -5.08 -5.33 -20.87
N SER C 207 -6.25 -4.70 -20.92
CA SER C 207 -7.48 -5.44 -21.09
C SER C 207 -7.54 -6.13 -22.45
N ASP C 208 -7.19 -5.41 -23.51
CA ASP C 208 -7.22 -5.96 -24.86
C ASP C 208 -5.93 -6.73 -25.14
N SER C 209 -5.85 -7.33 -26.33
CA SER C 209 -4.70 -8.11 -26.74
C SER C 209 -3.92 -7.44 -27.87
N THR C 210 -3.89 -6.10 -27.89
CA THR C 210 -3.14 -5.38 -28.91
C THR C 210 -2.01 -4.58 -28.27
N SER C 211 -1.36 -5.16 -27.26
CA SER C 211 -0.27 -4.50 -26.55
C SER C 211 0.82 -5.52 -26.28
N LYS C 212 1.94 -5.04 -25.75
CA LYS C 212 3.10 -5.90 -25.51
C LYS C 212 3.84 -5.42 -24.28
N LEU C 213 4.43 -6.36 -23.55
CA LEU C 213 5.23 -6.03 -22.38
C LEU C 213 6.53 -5.37 -22.83
N ILE C 214 6.90 -4.29 -22.16
CA ILE C 214 8.00 -3.43 -22.58
C ILE C 214 9.19 -3.68 -21.67
N HIS C 215 10.29 -4.20 -22.26
CA HIS C 215 11.46 -4.52 -21.46
C HIS C 215 12.22 -3.27 -21.03
N THR C 216 12.41 -2.32 -21.93
CA THR C 216 13.21 -1.13 -21.66
C THR C 216 12.46 0.11 -22.13
N PHE C 217 12.70 1.21 -21.42
CA PHE C 217 11.98 2.47 -21.63
C PHE C 217 12.91 3.47 -22.32
N ILE C 218 12.75 3.62 -23.62
CA ILE C 218 13.45 4.64 -24.40
C ILE C 218 12.43 5.67 -24.84
N LYS C 219 12.79 6.96 -24.76
CA LYS C 219 11.83 8.02 -25.04
C LYS C 219 11.30 7.94 -26.46
N GLU C 220 12.18 8.15 -27.46
CA GLU C 220 11.67 8.25 -28.81
C GLU C 220 11.49 6.88 -29.44
N LYS C 221 10.88 5.96 -28.68
CA LYS C 221 10.23 4.77 -29.22
C LYS C 221 8.90 4.47 -28.58
N HIS C 222 8.68 4.82 -27.31
CA HIS C 222 7.48 4.48 -26.57
C HIS C 222 6.89 5.61 -25.76
N GLN C 223 7.63 6.70 -25.50
CA GLN C 223 7.18 7.71 -24.55
C GLN C 223 5.90 8.41 -25.02
N ASP C 224 5.97 9.16 -26.11
CA ASP C 224 4.79 9.82 -26.65
C ASP C 224 4.12 8.96 -27.72
N GLU C 225 3.93 7.68 -27.40
CA GLU C 225 3.25 6.76 -28.30
C GLU C 225 2.33 5.78 -27.57
N ILE C 226 2.17 5.90 -26.25
CA ILE C 226 1.41 4.96 -25.46
C ILE C 226 0.39 5.71 -24.62
N THR C 227 -0.64 4.98 -24.19
CA THR C 227 -1.65 5.54 -23.31
C THR C 227 -1.19 5.46 -21.86
N PHE C 228 -1.28 6.57 -21.14
CA PHE C 228 -0.90 6.62 -19.74
C PHE C 228 -2.05 6.32 -18.81
N GLY C 229 -3.24 6.06 -19.35
CA GLY C 229 -4.41 5.80 -18.53
C GLY C 229 -5.68 5.59 -19.35
N ARG C 236 -5.68 7.12 -6.06
CA ARG C 236 -5.33 8.52 -6.17
C ARG C 236 -4.21 8.73 -7.20
N GLY C 237 -3.82 7.65 -7.88
CA GLY C 237 -2.72 7.73 -8.82
C GLY C 237 -3.04 7.19 -10.20
N GLY C 238 -2.21 6.26 -10.68
CA GLY C 238 -2.32 5.75 -12.03
C GLY C 238 -0.98 5.90 -12.72
N MET C 239 -0.83 5.20 -13.85
CA MET C 239 0.45 5.23 -14.56
C MET C 239 0.76 6.60 -15.15
N THR C 240 -0.24 7.45 -15.36
CA THR C 240 0.04 8.82 -15.76
C THR C 240 0.89 9.56 -14.73
N ALA C 241 0.88 9.11 -13.48
CA ALA C 241 1.79 9.59 -12.45
C ALA C 241 2.98 8.65 -12.22
N LYS C 242 2.77 7.35 -12.42
CA LYS C 242 3.86 6.39 -12.28
C LYS C 242 5.02 6.73 -13.21
N VAL C 243 4.71 6.97 -14.49
CA VAL C 243 5.76 7.26 -15.46
C VAL C 243 6.43 8.59 -15.15
N LYS C 244 5.65 9.60 -14.79
CA LYS C 244 6.21 10.92 -14.49
C LYS C 244 7.11 10.88 -13.27
N ALA C 245 6.80 10.02 -12.30
CA ALA C 245 7.70 9.86 -11.16
C ALA C 245 8.94 9.06 -11.54
N ALA C 246 8.76 8.01 -12.36
CA ALA C 246 9.86 7.12 -12.68
C ALA C 246 10.92 7.82 -13.55
N VAL C 247 10.50 8.68 -14.48
CA VAL C 247 11.48 9.36 -15.32
C VAL C 247 12.36 10.27 -14.49
N ASN C 248 11.75 11.05 -13.59
CA ASN C 248 12.51 11.95 -12.73
C ASN C 248 13.40 11.17 -11.77
N ALA C 249 12.91 10.05 -11.26
CA ALA C 249 13.76 9.20 -10.42
C ALA C 249 14.94 8.65 -11.21
N ALA C 250 14.72 8.30 -12.47
CA ALA C 250 15.77 7.70 -13.28
C ALA C 250 16.87 8.70 -13.62
N TYR C 251 16.49 9.91 -14.04
CA TYR C 251 17.50 10.91 -14.36
C TYR C 251 17.99 11.57 -13.09
N GLY C 252 19.21 11.23 -12.69
CA GLY C 252 19.75 11.57 -11.39
C GLY C 252 20.25 10.33 -10.69
N GLY C 253 20.48 9.27 -11.45
CA GLY C 253 20.83 7.99 -10.90
C GLY C 253 19.60 7.17 -10.59
N VAL C 254 19.82 6.07 -9.86
CA VAL C 254 18.74 5.23 -9.34
C VAL C 254 17.87 4.68 -10.47
N PRO C 255 18.34 3.72 -11.26
CA PRO C 255 17.46 3.06 -12.21
C PRO C 255 16.28 2.39 -11.48
N VAL C 256 15.11 2.44 -12.10
CA VAL C 256 13.90 1.91 -11.48
C VAL C 256 13.41 0.73 -12.30
N ILE C 257 12.70 -0.18 -11.63
CA ILE C 257 12.13 -1.35 -12.26
C ILE C 257 10.69 -1.50 -11.78
N ILE C 258 9.77 -1.72 -12.71
CA ILE C 258 8.36 -1.93 -12.40
C ILE C 258 8.05 -3.39 -12.66
N THR C 259 7.57 -4.10 -11.64
CA THR C 259 7.31 -5.53 -11.73
C THR C 259 6.00 -5.85 -11.03
N SER C 260 5.44 -7.00 -11.38
CA SER C 260 4.17 -7.42 -10.78
C SER C 260 4.36 -7.71 -9.29
N GLY C 261 3.46 -7.17 -8.47
CA GLY C 261 3.49 -7.43 -7.05
C GLY C 261 2.85 -8.72 -6.61
N TYR C 262 2.16 -9.41 -7.53
CA TYR C 262 1.50 -10.67 -7.17
C TYR C 262 2.50 -11.79 -6.97
N ALA C 263 3.47 -11.91 -7.86
CA ALA C 263 4.44 -13.00 -7.77
C ALA C 263 5.30 -12.85 -6.52
N ALA C 264 5.44 -13.94 -5.77
CA ALA C 264 6.19 -13.92 -4.52
C ALA C 264 7.70 -13.88 -4.74
N GLU C 265 8.20 -14.43 -5.84
CA GLU C 265 9.63 -14.53 -6.09
C GLU C 265 10.17 -13.38 -6.93
N ASN C 266 9.33 -12.37 -7.22
CA ASN C 266 9.70 -11.36 -8.21
C ASN C 266 10.96 -10.60 -7.79
N ILE C 267 11.07 -10.27 -6.51
CA ILE C 267 12.24 -9.52 -6.04
C ILE C 267 13.52 -10.30 -6.30
N SER C 268 13.51 -11.61 -6.00
CA SER C 268 14.72 -12.41 -6.15
C SER C 268 15.20 -12.44 -7.60
N LYS C 269 14.28 -12.73 -8.54
CA LYS C 269 14.70 -12.80 -9.93
C LYS C 269 15.02 -11.43 -10.49
N VAL C 270 14.41 -10.37 -9.96
CA VAL C 270 14.80 -9.02 -10.36
C VAL C 270 16.24 -8.73 -9.96
N LEU C 271 16.62 -9.13 -8.75
CA LEU C 271 17.94 -8.84 -8.22
C LEU C 271 19.00 -9.88 -8.59
N ARG C 272 18.61 -10.97 -9.28
CA ARG C 272 19.55 -11.99 -9.69
C ARG C 272 20.11 -11.75 -11.08
N GLY C 273 19.77 -10.62 -11.71
CA GLY C 273 20.23 -10.32 -13.04
C GLY C 273 19.31 -10.78 -14.16
N LEU C 274 18.20 -11.44 -13.83
CA LEU C 274 17.27 -11.88 -14.85
C LEU C 274 16.54 -10.68 -15.45
N ARG C 275 15.86 -10.92 -16.56
CA ARG C 275 15.17 -9.87 -17.32
C ARG C 275 13.70 -9.88 -16.91
N VAL C 276 13.36 -9.12 -15.87
CA VAL C 276 11.99 -8.99 -15.39
C VAL C 276 11.66 -7.52 -15.23
N GLY C 277 10.55 -7.08 -15.81
CA GLY C 277 10.07 -5.73 -15.62
C GLY C 277 10.50 -4.77 -16.71
N THR C 278 10.42 -3.48 -16.38
CA THR C 278 10.74 -2.40 -17.29
C THR C 278 11.84 -1.54 -16.67
N LEU C 279 12.85 -1.20 -17.46
CA LEU C 279 13.96 -0.36 -17.00
C LEU C 279 13.74 1.09 -17.43
N PHE C 280 13.94 2.00 -16.49
CA PHE C 280 14.06 3.43 -16.78
C PHE C 280 15.48 3.81 -16.36
N HIS C 281 16.42 3.73 -17.31
CA HIS C 281 17.82 3.95 -17.02
C HIS C 281 18.29 5.20 -17.74
N GLN C 282 19.07 6.03 -17.04
CA GLN C 282 19.55 7.26 -17.66
C GLN C 282 20.47 6.96 -18.84
N ASP C 283 21.31 5.94 -18.71
CA ASP C 283 22.13 5.47 -19.84
C ASP C 283 21.46 4.30 -20.56
N ALA C 284 20.19 4.48 -20.94
CA ALA C 284 19.48 3.45 -21.69
C ALA C 284 19.67 3.57 -23.19
N HIS C 285 20.23 4.69 -23.67
CA HIS C 285 20.48 4.83 -25.10
C HIS C 285 21.52 3.84 -25.59
N LEU C 286 22.43 3.42 -24.70
CA LEU C 286 23.37 2.36 -25.06
C LEU C 286 22.64 1.05 -25.32
N TRP C 287 21.62 0.76 -24.52
CA TRP C 287 20.84 -0.46 -24.69
C TRP C 287 19.53 -0.18 -25.40
N ARG D 71 -38.25 -2.07 2.68
CA ARG D 71 -37.05 -2.84 2.93
C ARG D 71 -36.94 -3.23 4.38
N TYR D 72 -37.64 -2.50 5.25
N TYR D 72 -37.64 -2.51 5.25
CA TYR D 72 -37.58 -2.79 6.68
CA TYR D 72 -37.53 -2.79 6.67
C TYR D 72 -37.82 -4.26 6.94
C TYR D 72 -37.84 -4.25 6.96
N ARG D 73 -38.67 -4.88 6.13
CA ARG D 73 -38.94 -6.31 6.30
C ARG D 73 -37.63 -7.04 6.10
N GLN D 74 -36.92 -6.72 5.03
CA GLN D 74 -35.62 -7.35 4.79
C GLN D 74 -34.67 -7.03 5.93
N LEU D 75 -34.66 -5.78 6.37
CA LEU D 75 -33.76 -5.39 7.44
C LEU D 75 -33.94 -6.34 8.59
N VAL D 76 -35.18 -6.57 8.99
CA VAL D 76 -35.43 -7.42 10.14
C VAL D 76 -34.86 -8.80 9.94
N ASN D 77 -34.93 -9.30 8.71
CA ASN D 77 -34.42 -10.62 8.42
C ASN D 77 -32.89 -10.69 8.45
N SER D 78 -32.23 -9.70 7.86
CA SER D 78 -30.77 -9.75 7.76
C SER D 78 -30.05 -9.85 9.11
N SER D 79 -28.75 -10.13 9.06
CA SER D 79 -27.97 -10.21 10.29
C SER D 79 -26.90 -9.14 10.28
N PHE D 80 -26.50 -8.66 11.45
CA PHE D 80 -25.53 -7.58 11.51
C PHE D 80 -24.42 -7.90 10.54
N ALA D 81 -24.06 -9.16 10.47
CA ALA D 81 -23.02 -9.56 9.55
C ALA D 81 -23.41 -9.12 8.16
N ASP D 82 -24.64 -9.45 7.77
CA ASP D 82 -25.08 -9.13 6.42
C ASP D 82 -25.27 -7.63 6.16
N LEU D 83 -25.64 -6.88 7.18
CA LEU D 83 -25.85 -5.45 6.99
C LEU D 83 -24.59 -5.01 6.36
N GLN D 84 -23.50 -5.65 6.72
CA GLN D 84 -22.25 -5.32 6.08
C GLN D 84 -22.19 -6.15 4.83
N LYS D 85 -21.73 -5.54 3.75
CA LYS D 85 -21.67 -6.25 2.47
C LYS D 85 -23.07 -6.49 1.92
#